data_1J7I
#
_entry.id   1J7I
#
_cell.length_a   55.662
_cell.length_b   55.662
_cell.length_c   185.228
_cell.angle_alpha   90.00
_cell.angle_beta   90.00
_cell.angle_gamma   90.00
#
_symmetry.space_group_name_H-M   'P 43 21 2'
#
_entity_poly.entity_id   1
_entity_poly.type   'polypeptide(L)'
_entity_poly.pdbx_seq_one_letter_code
;MAKMRISPELKKLIEKYRCVKDTEGMSPAKVYKLVGENENLYLKMTDSRYKGTTYDVEREKDMMLWLEGKLPVPKVLHFE
RHDGWSNLLMSEADGVLCSEEYEDEQSPEKIIELYAECIRLFHSIDISDCPYTNSLDSRLAELDYLLNNDLADVDCENWE
EDTPFKDPRELYDFLKTEKPEEELVFSHGDLGDSNIFVKDGKVSGFIDLGRSGRADKWYDIAFCVRSIREDIGEEQYVEL
FFDLLGIKPDWEKIKYYILLDELF
;
_entity_poly.pdbx_strand_id   A
#
# COMPACT_ATOMS: atom_id res chain seq x y z
N ARG A 5 12.83 -3.79 -22.33
CA ARG A 5 12.90 -3.59 -20.84
C ARG A 5 12.84 -2.11 -20.43
N ILE A 6 13.92 -1.40 -20.71
CA ILE A 6 14.09 0.01 -20.37
C ILE A 6 14.71 0.79 -21.54
N SER A 7 14.47 2.09 -21.58
CA SER A 7 15.01 2.94 -22.62
C SER A 7 16.51 2.99 -22.47
N PRO A 8 17.24 3.19 -23.59
CA PRO A 8 18.70 3.26 -23.51
C PRO A 8 19.11 4.23 -22.43
N GLU A 9 18.63 5.47 -22.56
CA GLU A 9 18.95 6.53 -21.61
C GLU A 9 18.95 6.07 -20.16
N LEU A 10 17.87 5.42 -19.73
CA LEU A 10 17.76 4.95 -18.35
C LEU A 10 18.71 3.79 -18.13
N LYS A 11 18.82 2.90 -19.12
CA LYS A 11 19.72 1.75 -19.03
C LYS A 11 21.11 2.28 -18.68
N LYS A 12 21.53 3.30 -19.44
CA LYS A 12 22.82 3.94 -19.25
C LYS A 12 23.00 4.45 -17.83
N LEU A 13 21.95 5.00 -17.24
CA LEU A 13 22.02 5.55 -15.89
C LEU A 13 22.10 4.53 -14.77
N ILE A 14 21.07 3.72 -14.60
CA ILE A 14 21.03 2.73 -13.52
C ILE A 14 22.25 1.84 -13.38
N GLU A 15 23.04 1.74 -14.43
CA GLU A 15 24.23 0.91 -14.40
C GLU A 15 25.42 1.47 -13.61
N LYS A 16 25.32 2.71 -13.18
CA LYS A 16 26.38 3.32 -12.39
C LYS A 16 26.23 2.76 -10.98
N TYR A 17 24.99 2.40 -10.63
CA TYR A 17 24.65 1.84 -9.32
C TYR A 17 24.69 0.32 -9.41
N ARG A 18 24.85 -0.34 -8.26
CA ARG A 18 24.94 -1.80 -8.21
C ARG A 18 23.73 -2.58 -8.67
N CYS A 19 22.52 -2.06 -8.46
CA CYS A 19 21.28 -2.74 -8.89
C CYS A 19 21.10 -4.15 -8.28
N VAL A 20 20.06 -4.30 -7.45
CA VAL A 20 19.79 -5.55 -6.76
C VAL A 20 18.29 -5.81 -6.67
N LYS A 21 17.89 -7.07 -6.82
CA LYS A 21 16.48 -7.44 -6.77
C LYS A 21 15.72 -6.97 -5.50
N ASP A 22 14.41 -6.83 -5.64
CA ASP A 22 13.50 -6.36 -4.58
C ASP A 22 13.71 -6.93 -3.19
N THR A 23 13.90 -6.02 -2.23
CA THR A 23 14.14 -6.38 -0.85
C THR A 23 13.23 -5.64 0.15
N GLU A 24 12.21 -4.96 -0.37
CA GLU A 24 11.27 -4.24 0.49
C GLU A 24 9.82 -4.57 0.12
N GLY A 25 8.88 -3.83 0.69
CA GLY A 25 7.46 -4.05 0.42
C GLY A 25 7.08 -3.82 -1.02
N MET A 26 7.08 -4.89 -1.81
CA MET A 26 6.73 -4.84 -3.23
C MET A 26 6.00 -6.14 -3.61
N SER A 27 5.20 -6.10 -4.68
CA SER A 27 4.45 -7.30 -5.07
C SER A 27 4.51 -7.81 -6.53
N PRO A 28 3.64 -7.31 -7.44
CA PRO A 28 3.73 -7.84 -8.81
C PRO A 28 4.87 -7.22 -9.62
N ALA A 29 5.03 -5.91 -9.46
CA ALA A 29 6.06 -5.14 -10.16
C ALA A 29 7.47 -5.61 -9.92
N LYS A 30 8.28 -5.54 -10.97
CA LYS A 30 9.68 -5.91 -10.84
C LYS A 30 10.26 -4.73 -10.08
N VAL A 31 11.18 -4.98 -9.16
CA VAL A 31 11.76 -3.89 -8.39
C VAL A 31 13.25 -4.07 -8.22
N TYR A 32 13.99 -3.00 -8.44
CA TYR A 32 15.42 -3.00 -8.32
C TYR A 32 15.84 -1.91 -7.35
N LYS A 33 16.76 -2.27 -6.45
CA LYS A 33 17.31 -1.36 -5.48
C LYS A 33 18.69 -1.00 -6.04
N LEU A 34 18.89 0.26 -6.38
CA LEU A 34 20.19 0.66 -6.92
C LEU A 34 21.07 1.09 -5.75
N VAL A 35 22.21 0.43 -5.59
CA VAL A 35 23.10 0.74 -4.50
C VAL A 35 24.31 1.54 -4.93
N GLY A 36 24.31 2.82 -4.57
CA GLY A 36 25.46 3.65 -4.88
C GLY A 36 26.31 3.67 -3.64
N GLU A 37 27.55 4.14 -3.74
CA GLU A 37 28.40 4.20 -2.54
C GLU A 37 28.05 5.49 -1.77
N ASN A 38 27.29 6.37 -2.40
CA ASN A 38 26.87 7.61 -1.78
C ASN A 38 25.40 7.60 -1.31
N GLU A 39 24.50 7.14 -2.18
CA GLU A 39 23.07 7.07 -1.87
C GLU A 39 22.38 5.96 -2.65
N ASN A 40 21.09 5.73 -2.39
CA ASN A 40 20.33 4.67 -3.05
C ASN A 40 19.17 5.16 -3.90
N LEU A 41 18.79 4.33 -4.86
CA LEU A 41 17.69 4.60 -5.79
C LEU A 41 16.84 3.35 -5.98
N TYR A 42 15.58 3.55 -6.37
CA TYR A 42 14.66 2.46 -6.57
C TYR A 42 13.96 2.50 -7.91
N LEU A 43 14.20 1.45 -8.69
CA LEU A 43 13.60 1.31 -10.00
C LEU A 43 12.44 0.35 -9.86
N LYS A 44 11.27 0.78 -10.30
CA LYS A 44 10.06 -0.03 -10.21
C LYS A 44 9.49 -0.20 -11.60
N MET A 45 9.07 -1.43 -11.93
CA MET A 45 8.52 -1.77 -13.25
C MET A 45 7.30 -2.69 -13.27
N THR A 46 6.30 -2.31 -14.07
CA THR A 46 5.07 -3.09 -14.26
C THR A 46 4.87 -2.98 -15.76
N ASP A 47 4.36 -4.03 -16.42
CA ASP A 47 4.17 -3.93 -17.88
C ASP A 47 2.88 -3.26 -18.36
N SER A 48 2.13 -3.95 -19.22
CA SER A 48 0.91 -3.39 -19.77
C SER A 48 -0.29 -4.18 -19.33
N ARG A 49 -0.08 -5.46 -19.03
CA ARG A 49 -1.18 -6.31 -18.59
C ARG A 49 -1.90 -5.66 -17.41
N TYR A 50 -1.11 -5.06 -16.52
CA TYR A 50 -1.64 -4.39 -15.33
C TYR A 50 -1.96 -2.93 -15.58
N LYS A 51 -1.98 -2.50 -16.82
CA LYS A 51 -2.24 -1.09 -17.10
C LYS A 51 -3.58 -0.66 -16.52
N GLY A 52 -3.64 0.56 -16.00
CA GLY A 52 -4.88 1.07 -15.43
C GLY A 52 -5.25 0.65 -14.02
N THR A 53 -4.87 -0.58 -13.64
CA THR A 53 -5.16 -1.10 -12.30
C THR A 53 -4.21 -0.51 -11.25
N THR A 54 -4.58 -0.60 -9.97
CA THR A 54 -3.76 -0.08 -8.87
C THR A 54 -2.37 -0.67 -8.77
N TYR A 55 -2.03 -1.52 -9.73
CA TYR A 55 -0.73 -2.16 -9.78
C TYR A 55 0.20 -1.37 -10.70
N ASP A 56 -0.36 -0.88 -11.80
CA ASP A 56 0.39 -0.10 -12.77
C ASP A 56 1.18 1.00 -12.05
N VAL A 57 2.49 1.05 -12.24
CA VAL A 57 3.28 2.09 -11.56
C VAL A 57 3.01 3.51 -12.02
N GLU A 58 2.48 3.66 -13.24
CA GLU A 58 2.19 4.99 -13.74
C GLU A 58 1.18 5.66 -12.81
N ARG A 59 0.33 4.84 -12.20
CA ARG A 59 -0.66 5.34 -11.26
C ARG A 59 0.10 5.82 -10.00
N GLU A 60 1.04 4.99 -9.56
CA GLU A 60 1.85 5.32 -8.41
C GLU A 60 2.62 6.60 -8.67
N LYS A 61 3.12 6.76 -9.89
CA LYS A 61 3.86 7.96 -10.24
C LYS A 61 2.93 9.15 -10.09
N ASP A 62 1.73 9.05 -10.64
CA ASP A 62 0.76 10.13 -10.55
C ASP A 62 0.45 10.54 -9.10
N MET A 63 0.20 9.55 -8.26
CA MET A 63 -0.10 9.80 -6.85
C MET A 63 1.11 10.33 -6.13
N MET A 64 2.28 9.86 -6.53
CA MET A 64 3.52 10.27 -5.90
C MET A 64 3.78 11.75 -6.13
N LEU A 65 3.51 12.22 -7.35
CA LEU A 65 3.71 13.63 -7.66
C LEU A 65 2.68 14.49 -6.94
N TRP A 66 1.41 14.08 -7.01
CA TRP A 66 0.35 14.85 -6.35
C TRP A 66 0.59 15.10 -4.87
N LEU A 67 0.92 14.03 -4.16
CA LEU A 67 1.18 14.05 -2.72
C LEU A 67 2.37 14.88 -2.30
N GLU A 68 2.96 15.59 -3.25
CA GLU A 68 4.12 16.42 -2.96
C GLU A 68 3.78 17.62 -2.07
N GLY A 69 4.50 17.76 -0.96
CA GLY A 69 4.24 18.85 -0.05
C GLY A 69 3.14 18.56 0.96
N LYS A 70 2.58 17.35 0.90
CA LYS A 70 1.51 16.94 1.81
C LYS A 70 2.06 15.90 2.79
N LEU A 71 2.33 14.70 2.28
CA LEU A 71 2.89 13.60 3.06
C LEU A 71 4.33 13.44 2.65
N PRO A 72 5.19 12.97 3.57
CA PRO A 72 6.59 12.82 3.19
C PRO A 72 6.72 11.58 2.30
N VAL A 73 7.02 11.78 1.03
CA VAL A 73 7.18 10.68 0.08
C VAL A 73 8.51 10.83 -0.62
N PRO A 74 8.96 9.80 -1.31
CA PRO A 74 10.23 9.92 -2.02
C PRO A 74 10.01 10.84 -3.21
N LYS A 75 11.08 11.19 -3.92
CA LYS A 75 11.01 12.07 -5.09
C LYS A 75 11.02 11.30 -6.39
N VAL A 76 10.29 11.82 -7.40
CA VAL A 76 10.28 11.21 -8.73
C VAL A 76 11.49 11.73 -9.51
N LEU A 77 12.22 10.83 -10.14
CA LEU A 77 13.41 11.21 -10.89
C LEU A 77 13.28 10.88 -12.37
N HIS A 78 12.60 9.77 -12.67
CA HIS A 78 12.45 9.35 -14.05
C HIS A 78 11.28 8.42 -14.21
N PHE A 79 10.47 8.68 -15.24
CA PHE A 79 9.32 7.83 -15.54
C PHE A 79 9.08 7.78 -17.02
N GLU A 80 8.99 6.56 -17.53
CA GLU A 80 8.79 6.38 -18.95
C GLU A 80 7.96 5.15 -19.26
N ARG A 81 7.50 5.14 -20.50
CA ARG A 81 6.75 4.03 -21.03
C ARG A 81 7.75 3.51 -22.05
N HIS A 82 8.05 2.23 -21.97
CA HIS A 82 9.00 1.64 -22.90
C HIS A 82 8.57 0.24 -23.25
N ASP A 83 8.38 -0.02 -24.54
CA ASP A 83 7.97 -1.34 -25.03
C ASP A 83 6.80 -1.93 -24.26
N GLY A 84 5.84 -1.08 -23.89
CA GLY A 84 4.68 -1.53 -23.14
C GLY A 84 5.00 -1.81 -21.68
N TRP A 85 5.80 -0.93 -21.08
CA TRP A 85 6.19 -1.07 -19.68
C TRP A 85 6.23 0.28 -19.01
N SER A 86 5.67 0.37 -17.82
CA SER A 86 5.66 1.60 -17.05
C SER A 86 6.85 1.47 -16.10
N ASN A 87 7.79 2.41 -16.14
CA ASN A 87 8.97 2.34 -15.29
C ASN A 87 9.15 3.57 -14.44
N LEU A 88 9.31 3.37 -13.14
CA LEU A 88 9.49 4.50 -12.25
C LEU A 88 10.81 4.41 -11.53
N LEU A 89 11.54 5.53 -11.55
CA LEU A 89 12.82 5.62 -10.87
C LEU A 89 12.66 6.72 -9.82
N MET A 90 12.67 6.34 -8.56
CA MET A 90 12.51 7.32 -7.49
C MET A 90 13.65 7.20 -6.51
N SER A 91 13.87 8.24 -5.73
CA SER A 91 14.91 8.25 -4.73
C SER A 91 14.55 7.31 -3.60
N GLU A 92 15.23 7.46 -2.48
CA GLU A 92 15.00 6.60 -1.31
C GLU A 92 14.10 7.30 -0.31
N ALA A 93 13.44 6.49 0.51
CA ALA A 93 12.55 7.01 1.54
C ALA A 93 13.34 7.78 2.59
N ASP A 94 12.65 8.60 3.35
CA ASP A 94 13.31 9.41 4.35
C ASP A 94 13.36 8.80 5.75
N GLY A 95 14.52 8.32 6.18
CA GLY A 95 14.63 7.77 7.53
C GLY A 95 14.78 6.27 7.79
N VAL A 96 14.08 5.79 8.80
CA VAL A 96 14.14 4.39 9.21
C VAL A 96 12.81 3.66 9.01
N LEU A 97 12.91 2.47 8.44
CA LEU A 97 11.77 1.62 8.18
C LEU A 97 11.14 1.18 9.49
N CYS A 98 9.85 1.46 9.63
CA CYS A 98 9.10 1.14 10.84
C CYS A 98 9.06 -0.33 11.20
N SER A 99 9.23 -1.20 10.20
CA SER A 99 9.18 -2.65 10.39
C SER A 99 10.16 -3.20 11.41
N GLU A 100 11.27 -2.51 11.64
CA GLU A 100 12.25 -2.99 12.60
C GLU A 100 12.21 -2.35 13.99
N GLU A 101 11.30 -2.86 14.82
CA GLU A 101 11.11 -2.42 16.21
C GLU A 101 9.85 -2.93 16.90
N TYR A 102 9.75 -4.25 17.03
CA TYR A 102 8.61 -4.90 17.68
C TYR A 102 8.92 -6.36 18.06
N GLU A 103 10.12 -6.80 17.72
CA GLU A 103 10.55 -8.17 18.02
C GLU A 103 10.90 -8.34 19.50
N ASP A 104 10.78 -7.27 20.27
CA ASP A 104 11.08 -7.28 21.69
C ASP A 104 9.82 -7.20 22.57
N GLU A 105 10.03 -6.90 23.85
CA GLU A 105 8.93 -6.81 24.81
C GLU A 105 8.38 -5.39 25.03
N GLN A 106 9.15 -4.57 25.72
CA GLN A 106 8.74 -3.19 26.04
C GLN A 106 8.88 -2.22 24.85
N SER A 107 7.77 -1.99 24.14
CA SER A 107 7.75 -1.07 22.97
C SER A 107 6.44 -0.89 22.19
N PRO A 108 5.45 -1.80 22.33
CA PRO A 108 4.20 -1.66 21.58
C PRO A 108 3.49 -0.30 21.56
N GLU A 109 3.46 0.36 22.70
CA GLU A 109 2.77 1.65 22.80
C GLU A 109 3.10 2.62 21.68
N LYS A 110 4.38 2.93 21.50
CA LYS A 110 4.83 3.88 20.49
C LYS A 110 4.37 3.56 19.07
N ILE A 111 4.28 2.27 18.75
CA ILE A 111 3.85 1.85 17.42
C ILE A 111 2.44 2.33 17.14
N ILE A 112 1.54 2.02 18.07
CA ILE A 112 0.13 2.39 17.96
C ILE A 112 -0.01 3.87 17.64
N GLU A 113 0.75 4.69 18.35
CA GLU A 113 0.76 6.15 18.19
C GLU A 113 1.15 6.59 16.78
N LEU A 114 2.03 5.82 16.14
CA LEU A 114 2.49 6.09 14.78
C LEU A 114 1.35 5.77 13.85
N TYR A 115 0.66 4.68 14.14
CA TYR A 115 -0.48 4.27 13.34
C TYR A 115 -1.55 5.34 13.49
N ALA A 116 -1.65 5.88 14.71
CA ALA A 116 -2.61 6.91 15.04
C ALA A 116 -2.29 8.16 14.25
N GLU A 117 -1.02 8.56 14.30
CA GLU A 117 -0.53 9.74 13.60
C GLU A 117 -0.74 9.58 12.10
N CYS A 118 -0.39 8.40 11.58
CA CYS A 118 -0.54 8.11 10.15
C CYS A 118 -1.98 8.30 9.72
N ILE A 119 -2.90 7.74 10.48
CA ILE A 119 -4.32 7.86 10.16
C ILE A 119 -4.84 9.28 10.11
N ARG A 120 -4.63 10.07 11.17
CA ARG A 120 -5.16 11.44 11.14
C ARG A 120 -4.44 12.29 10.11
N LEU A 121 -3.26 11.85 9.72
CA LEU A 121 -2.50 12.57 8.72
C LEU A 121 -3.20 12.51 7.37
N PHE A 122 -3.89 11.40 7.11
CA PHE A 122 -4.62 11.22 5.86
C PHE A 122 -5.93 12.00 5.89
N HIS A 123 -6.62 11.92 7.04
CA HIS A 123 -7.89 12.61 7.21
C HIS A 123 -7.73 14.12 7.14
N SER A 124 -6.48 14.58 7.03
CA SER A 124 -6.16 15.99 6.95
C SER A 124 -5.81 16.40 5.52
N ILE A 125 -5.76 15.44 4.62
CA ILE A 125 -5.44 15.72 3.23
C ILE A 125 -6.66 16.12 2.39
N ASP A 126 -6.60 17.28 1.75
CA ASP A 126 -7.71 17.76 0.92
C ASP A 126 -7.89 16.87 -0.30
N ILE A 127 -8.77 15.88 -0.19
CA ILE A 127 -9.05 14.92 -1.26
C ILE A 127 -9.95 15.46 -2.36
N SER A 128 -10.03 16.78 -2.49
CA SER A 128 -10.89 17.38 -3.52
C SER A 128 -10.49 17.07 -4.94
N ASP A 129 -9.36 17.61 -5.37
CA ASP A 129 -8.87 17.37 -6.70
C ASP A 129 -7.91 16.18 -6.72
N CYS A 130 -8.24 15.13 -5.96
CA CYS A 130 -7.40 13.95 -5.90
C CYS A 130 -7.46 13.25 -7.25
N PRO A 131 -6.32 12.76 -7.74
CA PRO A 131 -6.17 12.05 -9.02
C PRO A 131 -7.03 10.82 -9.20
N TYR A 132 -7.07 9.98 -8.16
CA TYR A 132 -7.82 8.74 -8.24
C TYR A 132 -8.70 8.42 -7.04
N THR A 133 -9.75 7.66 -7.33
CA THR A 133 -10.71 7.19 -6.33
C THR A 133 -10.64 5.68 -6.32
N ASN A 134 -10.47 5.08 -5.15
CA ASN A 134 -10.41 3.64 -5.04
C ASN A 134 -11.64 3.12 -4.32
N SER A 135 -12.79 3.62 -4.75
CA SER A 135 -14.08 3.24 -4.18
C SER A 135 -14.26 1.74 -4.37
N LEU A 136 -15.17 1.13 -3.63
CA LEU A 136 -15.40 -0.29 -3.78
C LEU A 136 -15.77 -0.68 -5.20
N ASP A 137 -16.78 -0.01 -5.78
CA ASP A 137 -17.17 -0.33 -7.16
C ASP A 137 -15.98 -0.28 -8.12
N SER A 138 -15.03 0.61 -7.86
CA SER A 138 -13.81 0.76 -8.67
C SER A 138 -12.91 -0.47 -8.55
N ARG A 139 -12.70 -0.89 -7.31
CA ARG A 139 -11.87 -2.05 -7.02
C ARG A 139 -12.55 -3.34 -7.45
N LEU A 140 -13.85 -3.43 -7.20
CA LEU A 140 -14.60 -4.62 -7.56
C LEU A 140 -14.58 -4.83 -9.06
N ALA A 141 -14.48 -3.75 -9.81
CA ALA A 141 -14.41 -3.88 -11.25
C ALA A 141 -13.01 -4.42 -11.58
N GLU A 142 -12.01 -3.77 -10.96
CA GLU A 142 -10.59 -4.08 -11.09
C GLU A 142 -10.26 -5.53 -10.76
N LEU A 143 -10.82 -6.03 -9.66
CA LEU A 143 -10.59 -7.41 -9.24
C LEU A 143 -11.19 -8.41 -10.23
N ASP A 144 -12.38 -8.07 -10.72
CA ASP A 144 -13.12 -8.89 -11.68
C ASP A 144 -12.25 -9.11 -12.89
N TYR A 145 -11.59 -8.04 -13.31
CA TYR A 145 -10.69 -8.02 -14.47
C TYR A 145 -9.53 -9.01 -14.31
N LEU A 146 -8.88 -8.95 -13.14
CA LEU A 146 -7.74 -9.81 -12.81
C LEU A 146 -8.12 -11.28 -12.85
N LEU A 147 -9.19 -11.63 -12.13
CA LEU A 147 -9.67 -12.99 -12.08
C LEU A 147 -10.02 -13.49 -13.46
N ASN A 148 -10.48 -12.59 -14.33
CA ASN A 148 -10.86 -12.94 -15.71
C ASN A 148 -9.69 -13.31 -16.60
N ASN A 149 -8.47 -12.99 -16.16
CA ASN A 149 -7.27 -13.29 -16.91
C ASN A 149 -6.23 -13.96 -15.99
N ASP A 150 -6.72 -14.81 -15.08
CA ASP A 150 -5.87 -15.55 -14.14
C ASP A 150 -4.79 -14.70 -13.46
N LEU A 151 -4.90 -13.38 -13.57
CA LEU A 151 -3.93 -12.46 -12.96
C LEU A 151 -4.19 -12.32 -11.47
N ALA A 152 -4.21 -13.44 -10.76
CA ALA A 152 -4.44 -13.43 -9.32
C ALA A 152 -3.42 -14.33 -8.65
N ASP A 153 -3.81 -14.92 -7.53
CA ASP A 153 -2.92 -15.81 -6.78
C ASP A 153 -3.56 -17.17 -6.55
N VAL A 154 -3.04 -18.19 -7.21
CA VAL A 154 -3.54 -19.56 -7.05
C VAL A 154 -2.73 -20.20 -5.91
N ASP A 155 -1.55 -19.64 -5.69
CA ASP A 155 -0.61 -20.05 -4.65
C ASP A 155 -1.26 -20.03 -3.27
N CYS A 156 -1.03 -18.98 -2.49
CA CYS A 156 -1.64 -18.85 -1.17
C CYS A 156 -3.02 -18.26 -1.39
N GLU A 157 -4.03 -18.95 -0.91
CA GLU A 157 -5.39 -18.48 -1.03
C GLU A 157 -5.85 -18.33 0.42
N ASN A 158 -5.63 -17.14 0.97
CA ASN A 158 -6.00 -16.87 2.36
C ASN A 158 -7.45 -17.08 2.68
N TRP A 159 -8.34 -16.81 1.73
CA TRP A 159 -9.76 -16.98 1.99
C TRP A 159 -10.13 -18.39 2.41
N GLU A 160 -9.57 -19.38 1.72
CA GLU A 160 -9.86 -20.79 2.03
C GLU A 160 -9.90 -21.13 3.51
N GLU A 161 -9.10 -20.43 4.30
CA GLU A 161 -9.06 -20.66 5.73
C GLU A 161 -10.08 -19.81 6.42
N ASP A 162 -10.10 -18.51 6.09
CA ASP A 162 -11.00 -17.52 6.70
C ASP A 162 -12.50 -17.64 6.35
N THR A 163 -12.79 -18.02 5.11
CA THR A 163 -14.16 -18.17 4.64
C THR A 163 -14.43 -19.59 4.15
N PRO A 164 -15.66 -19.89 3.69
CA PRO A 164 -15.99 -21.23 3.20
C PRO A 164 -16.04 -21.40 1.70
N PHE A 165 -15.53 -20.41 0.98
CA PHE A 165 -15.56 -20.49 -0.48
C PHE A 165 -14.34 -21.22 -1.07
N LYS A 166 -14.54 -21.89 -2.21
CA LYS A 166 -13.46 -22.62 -2.84
C LYS A 166 -12.70 -21.76 -3.84
N ASP A 167 -13.40 -21.23 -4.85
CA ASP A 167 -12.74 -20.38 -5.84
C ASP A 167 -13.07 -18.90 -5.62
N PRO A 168 -12.13 -18.01 -5.96
CA PRO A 168 -12.22 -16.55 -5.85
C PRO A 168 -13.55 -15.96 -6.26
N ARG A 169 -14.07 -16.42 -7.38
CA ARG A 169 -15.35 -15.93 -7.92
C ARG A 169 -16.38 -15.76 -6.86
N GLU A 170 -16.48 -16.76 -5.99
CA GLU A 170 -17.45 -16.79 -4.92
C GLU A 170 -17.23 -15.72 -3.88
N LEU A 171 -16.00 -15.65 -3.38
CA LEU A 171 -15.67 -14.63 -2.39
C LEU A 171 -15.91 -13.26 -3.03
N TYR A 172 -15.73 -13.22 -4.36
CA TYR A 172 -15.94 -12.02 -5.12
C TYR A 172 -17.42 -11.66 -5.08
N ASP A 173 -18.27 -12.61 -5.48
CA ASP A 173 -19.70 -12.39 -5.49
C ASP A 173 -20.27 -12.10 -4.12
N PHE A 174 -19.63 -12.67 -3.12
CA PHE A 174 -20.06 -12.45 -1.75
C PHE A 174 -19.75 -11.01 -1.33
N LEU A 175 -18.56 -10.55 -1.65
CA LEU A 175 -18.14 -9.20 -1.33
C LEU A 175 -18.91 -8.16 -2.10
N LYS A 176 -19.34 -8.51 -3.30
CA LYS A 176 -20.06 -7.55 -4.11
C LYS A 176 -21.43 -7.33 -3.53
N THR A 177 -21.95 -8.33 -2.82
CA THR A 177 -23.27 -8.21 -2.21
C THR A 177 -23.22 -7.56 -0.82
N GLU A 178 -22.13 -7.81 -0.09
CA GLU A 178 -21.92 -7.24 1.25
C GLU A 178 -21.30 -5.84 1.21
N LYS A 179 -20.99 -5.38 0.00
CA LYS A 179 -20.41 -4.06 -0.24
C LYS A 179 -21.10 -3.04 0.65
N PRO A 180 -20.38 -2.51 1.65
CA PRO A 180 -20.89 -1.51 2.59
C PRO A 180 -21.00 -0.07 2.09
N GLU A 181 -21.20 0.84 3.03
CA GLU A 181 -21.33 2.26 2.74
C GLU A 181 -19.97 2.93 2.85
N GLU A 182 -19.72 3.86 1.94
CA GLU A 182 -18.46 4.57 1.91
C GLU A 182 -18.53 6.03 2.37
N GLU A 183 -17.39 6.50 2.87
CA GLU A 183 -17.19 7.87 3.33
C GLU A 183 -15.75 8.09 2.89
N LEU A 184 -15.59 8.83 1.79
CA LEU A 184 -14.28 9.05 1.19
C LEU A 184 -13.25 9.94 1.88
N VAL A 185 -12.08 9.37 2.16
CA VAL A 185 -10.97 10.09 2.79
C VAL A 185 -9.71 9.68 2.01
N PHE A 186 -8.55 10.21 2.40
CA PHE A 186 -7.32 9.83 1.74
C PHE A 186 -6.90 8.48 2.30
N SER A 187 -6.78 7.50 1.42
CA SER A 187 -6.41 6.16 1.83
C SER A 187 -5.07 5.80 1.20
N HIS A 188 -4.20 5.20 1.99
CA HIS A 188 -2.90 4.76 1.53
C HIS A 188 -3.06 3.56 0.58
N GLY A 189 -4.12 2.78 0.81
CA GLY A 189 -4.41 1.62 -0.01
C GLY A 189 -3.72 0.31 0.30
N ASP A 190 -2.56 0.37 0.93
CA ASP A 190 -1.78 -0.84 1.23
C ASP A 190 -0.87 -0.53 2.40
N LEU A 191 -1.46 0.02 3.46
CA LEU A 191 -0.72 0.43 4.65
C LEU A 191 -0.14 -0.71 5.47
N GLY A 192 1.15 -0.99 5.31
CA GLY A 192 1.76 -2.06 6.07
C GLY A 192 2.87 -1.49 6.94
N ASP A 193 3.30 -2.23 7.95
CA ASP A 193 4.37 -1.74 8.83
C ASP A 193 5.73 -1.74 8.13
N SER A 194 5.73 -1.86 6.81
CA SER A 194 6.97 -1.87 5.99
C SER A 194 6.92 -0.84 4.87
N ASN A 195 5.96 0.08 4.97
CA ASN A 195 5.78 1.15 3.99
C ASN A 195 5.94 2.47 4.72
N ILE A 196 5.86 2.42 6.05
CA ILE A 196 5.96 3.60 6.91
C ILE A 196 7.40 3.81 7.38
N PHE A 197 7.87 5.05 7.33
CA PHE A 197 9.24 5.39 7.74
C PHE A 197 9.27 6.35 8.90
N VAL A 198 9.96 5.94 9.96
CA VAL A 198 10.07 6.73 11.18
C VAL A 198 11.37 7.50 11.28
N LYS A 199 11.31 8.64 11.96
CA LYS A 199 12.49 9.50 12.16
C LYS A 199 12.27 10.31 13.40
N ASP A 200 12.88 9.88 14.49
CA ASP A 200 12.77 10.56 15.78
C ASP A 200 11.33 10.43 16.26
N GLY A 201 10.83 9.20 16.26
CA GLY A 201 9.47 8.97 16.72
C GLY A 201 8.35 9.59 15.91
N LYS A 202 8.70 10.35 14.88
CA LYS A 202 7.70 11.00 14.04
C LYS A 202 7.67 10.39 12.64
N VAL A 203 6.48 10.19 12.10
CA VAL A 203 6.33 9.63 10.76
C VAL A 203 7.08 10.54 9.79
N SER A 204 7.92 9.93 8.96
CA SER A 204 8.72 10.71 8.02
C SER A 204 8.75 10.16 6.59
N GLY A 205 8.12 9.00 6.36
CA GLY A 205 8.14 8.47 5.01
C GLY A 205 7.05 7.47 4.68
N PHE A 206 6.65 7.46 3.42
CA PHE A 206 5.61 6.57 2.89
C PHE A 206 5.99 6.07 1.52
N ILE A 207 5.71 4.79 1.26
CA ILE A 207 5.99 4.18 -0.05
C ILE A 207 4.93 3.13 -0.41
N ASP A 208 5.04 2.58 -1.62
CA ASP A 208 4.08 1.60 -2.12
C ASP A 208 2.76 2.37 -2.15
N LEU A 209 2.68 3.32 -3.06
CA LEU A 209 1.53 4.20 -3.18
C LEU A 209 0.62 4.03 -4.41
N GLY A 210 0.62 2.85 -5.00
CA GLY A 210 -0.22 2.61 -6.18
C GLY A 210 -1.71 2.61 -5.91
N ARG A 211 -2.10 2.14 -4.72
CA ARG A 211 -3.51 2.09 -4.35
C ARG A 211 -3.93 3.32 -3.55
N SER A 212 -3.11 4.37 -3.63
CA SER A 212 -3.40 5.61 -2.95
C SER A 212 -4.55 6.29 -3.65
N GLY A 213 -5.34 7.02 -2.90
CA GLY A 213 -6.46 7.72 -3.50
C GLY A 213 -7.62 7.83 -2.55
N ARG A 214 -8.78 8.18 -3.09
CA ARG A 214 -9.98 8.32 -2.29
C ARG A 214 -10.60 6.94 -2.03
N ALA A 215 -10.87 6.65 -0.76
CA ALA A 215 -11.48 5.39 -0.38
C ALA A 215 -11.98 5.46 1.05
N ASP A 216 -13.09 4.75 1.34
CA ASP A 216 -13.71 4.68 2.66
C ASP A 216 -12.65 4.75 3.77
N LYS A 217 -12.94 5.47 4.85
CA LYS A 217 -11.96 5.59 5.93
C LYS A 217 -11.50 4.26 6.52
N TRP A 218 -12.46 3.45 6.97
CA TRP A 218 -12.21 2.16 7.59
C TRP A 218 -11.18 1.29 6.92
N TYR A 219 -10.98 1.50 5.63
CA TYR A 219 -10.01 0.75 4.85
C TYR A 219 -8.63 0.74 5.50
N ASP A 220 -8.05 1.92 5.69
CA ASP A 220 -6.75 2.01 6.30
C ASP A 220 -6.80 1.51 7.73
N ILE A 221 -7.89 1.80 8.40
CA ILE A 221 -8.08 1.40 9.78
C ILE A 221 -8.04 -0.13 9.93
N ALA A 222 -8.49 -0.83 8.90
CA ALA A 222 -8.48 -2.28 8.94
C ALA A 222 -7.05 -2.81 8.85
N PHE A 223 -6.21 -2.17 8.04
CA PHE A 223 -4.82 -2.58 7.89
C PHE A 223 -4.03 -2.38 9.15
N CYS A 224 -4.26 -1.27 9.83
CA CYS A 224 -3.56 -0.98 11.07
C CYS A 224 -3.86 -2.04 12.09
N VAL A 225 -5.14 -2.36 12.23
CA VAL A 225 -5.56 -3.38 13.17
C VAL A 225 -4.83 -4.68 12.87
N ARG A 226 -4.78 -5.06 11.60
CA ARG A 226 -4.11 -6.30 11.19
C ARG A 226 -2.67 -6.42 11.66
N SER A 227 -1.90 -5.35 11.49
CA SER A 227 -0.50 -5.33 11.90
C SER A 227 -0.43 -5.57 13.39
N ILE A 228 -1.23 -4.79 14.13
CA ILE A 228 -1.29 -4.87 15.58
C ILE A 228 -1.45 -6.31 16.05
N ARG A 229 -2.42 -7.01 15.50
CA ARG A 229 -2.66 -8.40 15.88
C ARG A 229 -1.49 -9.32 15.59
N GLU A 230 -0.75 -9.03 14.53
CA GLU A 230 0.38 -9.87 14.17
C GLU A 230 1.65 -9.53 14.91
N ASP A 231 2.07 -8.27 14.83
CA ASP A 231 3.30 -7.84 15.49
C ASP A 231 3.21 -7.71 17.02
N ILE A 232 1.99 -7.84 17.56
CA ILE A 232 1.73 -7.75 19.01
C ILE A 232 0.40 -8.43 19.37
N GLY A 233 0.48 -9.69 19.81
CA GLY A 233 -0.69 -10.47 20.15
C GLY A 233 -1.75 -9.91 21.09
N GLU A 234 -1.38 -8.93 21.91
CA GLU A 234 -2.28 -8.31 22.89
C GLU A 234 -3.38 -7.51 22.20
N GLU A 235 -4.62 -7.95 22.37
CA GLU A 235 -5.79 -7.29 21.78
C GLU A 235 -6.14 -5.98 22.52
N GLN A 236 -5.38 -5.64 23.55
CA GLN A 236 -5.65 -4.42 24.31
C GLN A 236 -5.17 -3.16 23.59
N TYR A 237 -4.15 -3.32 22.75
CA TYR A 237 -3.61 -2.20 21.98
C TYR A 237 -4.54 -1.78 20.86
N VAL A 238 -5.50 -2.65 20.55
CA VAL A 238 -6.48 -2.36 19.51
C VAL A 238 -7.48 -1.35 20.09
N GLU A 239 -7.68 -1.40 21.40
CA GLU A 239 -8.57 -0.47 22.07
C GLU A 239 -7.89 0.89 22.11
N LEU A 240 -6.61 0.88 22.50
CA LEU A 240 -5.77 2.07 22.61
C LEU A 240 -5.69 2.82 21.30
N PHE A 241 -5.49 2.09 20.22
CA PHE A 241 -5.44 2.67 18.89
C PHE A 241 -6.78 3.33 18.57
N PHE A 242 -7.86 2.65 18.93
CA PHE A 242 -9.21 3.14 18.71
C PHE A 242 -9.57 4.23 19.72
N ASP A 243 -8.81 4.29 20.81
CA ASP A 243 -9.03 5.27 21.86
C ASP A 243 -8.34 6.56 21.45
N LEU A 244 -7.10 6.42 20.98
CA LEU A 244 -6.32 7.58 20.54
C LEU A 244 -7.03 8.23 19.37
N LEU A 245 -7.57 7.39 18.49
CA LEU A 245 -8.29 7.85 17.30
C LEU A 245 -9.68 8.34 17.68
N GLY A 246 -10.16 7.94 18.85
CA GLY A 246 -11.46 8.38 19.30
C GLY A 246 -12.71 7.95 18.54
N ILE A 247 -12.62 6.90 17.73
CA ILE A 247 -13.78 6.40 16.98
C ILE A 247 -14.16 5.00 17.41
N LYS A 248 -15.44 4.65 17.27
CA LYS A 248 -15.92 3.33 17.65
C LYS A 248 -15.79 2.36 16.49
N PRO A 249 -15.14 1.22 16.73
CA PRO A 249 -14.93 0.15 15.75
C PRO A 249 -16.19 -0.28 15.02
N ASP A 250 -16.17 -0.15 13.70
CA ASP A 250 -17.30 -0.59 12.89
C ASP A 250 -16.89 -1.99 12.47
N TRP A 251 -16.70 -2.88 13.45
CA TRP A 251 -16.25 -4.25 13.21
C TRP A 251 -16.63 -4.95 11.91
N GLU A 252 -17.84 -4.71 11.43
CA GLU A 252 -18.31 -5.33 10.19
C GLU A 252 -17.55 -4.83 8.96
N LYS A 253 -17.26 -3.53 8.94
CA LYS A 253 -16.53 -2.93 7.83
C LYS A 253 -15.06 -3.33 7.87
N ILE A 254 -14.48 -3.40 9.06
CA ILE A 254 -13.08 -3.79 9.22
C ILE A 254 -12.87 -5.16 8.62
N LYS A 255 -13.71 -6.10 9.01
CA LYS A 255 -13.62 -7.45 8.50
C LYS A 255 -13.77 -7.42 6.99
N TYR A 256 -14.73 -6.64 6.50
CA TYR A 256 -14.96 -6.54 5.08
C TYR A 256 -13.71 -6.19 4.29
N TYR A 257 -12.91 -5.27 4.81
CA TYR A 257 -11.68 -4.86 4.14
C TYR A 257 -10.54 -5.85 4.30
N ILE A 258 -10.53 -6.61 5.39
CA ILE A 258 -9.50 -7.60 5.59
C ILE A 258 -9.67 -8.71 4.56
N LEU A 259 -10.92 -9.04 4.25
CA LEU A 259 -11.20 -10.07 3.28
C LEU A 259 -10.89 -9.65 1.85
N LEU A 260 -11.05 -8.36 1.54
CA LEU A 260 -10.79 -7.89 0.20
C LEU A 260 -9.33 -8.03 -0.14
N ASP A 261 -8.47 -7.67 0.79
CA ASP A 261 -7.03 -7.73 0.57
C ASP A 261 -6.48 -9.14 0.39
N GLU A 262 -7.33 -10.15 0.51
CA GLU A 262 -6.88 -11.52 0.37
C GLU A 262 -6.93 -11.97 -1.08
N LEU A 263 -7.85 -11.38 -1.84
CA LEU A 263 -7.98 -11.73 -3.26
C LEU A 263 -6.85 -11.12 -4.07
N PHE A 264 -6.27 -10.04 -3.56
CA PHE A 264 -5.17 -9.36 -4.25
C PHE A 264 -3.80 -9.91 -3.86
#